data_3RYK
#
_entry.id   3RYK
#
_cell.length_a   86.652
_cell.length_b   86.652
_cell.length_c   45.101
_cell.angle_alpha   90.00
_cell.angle_beta   90.00
_cell.angle_gamma   120.00
#
_symmetry.space_group_name_H-M   'P 3'
#
loop_
_entity.id
_entity.type
_entity.pdbx_description
1 polymer 'dTDP-4-dehydrorhamnose 3,5-epimerase'
2 non-polymer 'PYROPHOSPHATE 2-'
3 non-polymer "THYMIDINE-5'-DIPHOSPHATE"
4 water water
#
_entity_poly.entity_id   1
_entity_poly.type   'polypeptide(L)'
_entity_poly.pdbx_seq_one_letter_code
;MHHHHHHSSGVDLGTENLYFQSNAMKVIETNFTDAKLLEPRLFGDDRGFFTESYNKKVLETLGVTHSFVQDNVSYSAEAG
TIRGLHFQKNPKAQTKLIQVMQGAIYDVIVDLRKDSPTFKQWRGYILSADNHRQLLVPKGFAHGFCTLVPHTIVMYKVDE
YYSADHDSGVLWNDKELAIPWPVTSPILSDKDRILPLLQECEDSF
;
_entity_poly.pdbx_strand_id   A,B
#
# COMPACT_ATOMS: atom_id res chain seq x y z
N ALA A 24 -6.49 6.65 16.54
CA ALA A 24 -6.40 5.53 15.56
C ALA A 24 -7.21 5.93 14.32
N MET A 25 -7.47 4.98 13.42
CA MET A 25 -8.25 5.30 12.23
C MET A 25 -9.70 5.57 12.63
N LYS A 26 -10.33 6.57 12.01
N LYS A 26 -10.34 6.55 11.98
CA LYS A 26 -11.72 6.92 12.32
CA LYS A 26 -11.73 6.91 12.29
C LYS A 26 -12.64 6.99 11.08
C LYS A 26 -12.63 6.84 11.07
N VAL A 27 -13.94 6.85 11.32
CA VAL A 27 -14.98 6.84 10.27
C VAL A 27 -15.48 8.26 10.00
N ILE A 28 -15.33 8.72 8.77
CA ILE A 28 -15.78 10.06 8.37
C ILE A 28 -17.29 10.05 8.14
N GLU A 29 -17.78 9.01 7.46
CA GLU A 29 -19.20 8.86 7.21
C GLU A 29 -19.48 7.44 6.73
N THR A 30 -20.72 7.00 6.93
CA THR A 30 -21.16 5.70 6.52
C THR A 30 -22.37 5.94 5.62
N ASN A 31 -22.39 5.26 4.48
CA ASN A 31 -23.49 5.37 3.54
C ASN A 31 -23.90 3.99 3.04
N PHE A 32 -25.17 3.88 2.67
CA PHE A 32 -25.72 2.65 2.15
C PHE A 32 -25.49 1.50 3.13
N THR A 33 -25.59 1.82 4.42
CA THR A 33 -25.42 0.89 5.54
C THR A 33 -24.02 0.41 5.86
N ASP A 34 -23.29 -0.04 4.84
CA ASP A 34 -21.95 -0.60 4.95
C ASP A 34 -20.75 0.15 4.33
N ALA A 35 -20.99 1.10 3.43
CA ALA A 35 -19.88 1.86 2.81
C ALA A 35 -19.32 2.83 3.84
N LYS A 36 -18.00 2.87 3.99
CA LYS A 36 -17.37 3.73 4.99
C LYS A 36 -16.21 4.55 4.46
N LEU A 37 -16.26 5.86 4.69
CA LEU A 37 -15.19 6.78 4.28
C LEU A 37 -14.38 6.85 5.57
N LEU A 38 -13.10 6.48 5.49
CA LEU A 38 -12.21 6.45 6.65
C LEU A 38 -11.00 7.39 6.58
N GLU A 39 -10.48 7.75 7.76
CA GLU A 39 -9.29 8.62 7.82
C GLU A 39 -8.30 8.07 8.85
N PRO A 40 -7.05 7.84 8.41
CA PRO A 40 -6.03 7.34 9.31
C PRO A 40 -5.43 8.47 10.13
N ARG A 41 -4.98 8.16 11.33
CA ARG A 41 -4.36 9.16 12.21
C ARG A 41 -2.96 9.34 11.66
N LEU A 42 -2.61 10.59 11.37
CA LEU A 42 -1.32 10.92 10.82
C LEU A 42 -0.48 11.48 11.96
N PHE A 43 0.82 11.26 11.91
CA PHE A 43 1.78 11.74 12.91
C PHE A 43 2.89 12.47 12.18
N GLY A 44 2.77 13.79 12.12
CA GLY A 44 3.73 14.65 11.44
C GLY A 44 4.86 15.29 12.22
N ASP A 45 5.87 15.69 11.45
CA ASP A 45 7.10 16.33 11.90
C ASP A 45 7.51 17.27 10.79
N ASP A 46 8.58 18.02 11.04
CA ASP A 46 9.11 18.94 10.04
C ASP A 46 9.78 18.08 8.96
N ARG A 47 10.12 16.84 9.32
CA ARG A 47 10.79 15.86 8.43
C ARG A 47 9.83 15.16 7.47
N GLY A 48 8.55 15.12 7.82
CA GLY A 48 7.53 14.45 6.98
C GLY A 48 6.43 13.91 7.87
N PHE A 49 6.01 12.67 7.63
CA PHE A 49 4.95 12.07 8.46
C PHE A 49 5.02 10.55 8.45
N PHE A 50 4.26 9.97 9.38
CA PHE A 50 4.12 8.55 9.55
C PHE A 50 2.66 8.23 9.77
N THR A 51 2.22 7.10 9.24
CA THR A 51 0.83 6.69 9.44
C THR A 51 0.68 5.19 9.24
N GLU A 52 -0.23 4.59 10.00
CA GLU A 52 -0.56 3.18 9.88
C GLU A 52 -1.73 3.33 8.92
N SER A 53 -1.51 2.98 7.65
CA SER A 53 -2.57 3.12 6.64
C SER A 53 -3.56 1.95 6.72
N TYR A 54 -3.22 0.93 7.50
CA TYR A 54 -4.07 -0.24 7.69
C TYR A 54 -3.70 -0.96 8.98
N ASN A 55 -4.72 -1.26 9.77
CA ASN A 55 -4.57 -1.98 11.01
C ASN A 55 -5.82 -2.83 11.11
N LYS A 56 -5.65 -4.14 10.91
CA LYS A 56 -6.73 -5.12 10.92
C LYS A 56 -7.61 -5.05 12.17
N LYS A 57 -6.99 -5.17 13.33
CA LYS A 57 -7.69 -5.12 14.63
C LYS A 57 -8.44 -3.78 14.84
N VAL A 58 -7.89 -2.68 14.32
CA VAL A 58 -8.55 -1.37 14.45
C VAL A 58 -9.82 -1.35 13.60
N LEU A 59 -9.69 -1.85 12.38
CA LEU A 59 -10.85 -1.91 11.47
C LEU A 59 -11.98 -2.73 12.05
N GLU A 60 -11.67 -3.85 12.69
CA GLU A 60 -12.75 -4.67 13.27
C GLU A 60 -13.53 -3.87 14.30
N THR A 61 -12.87 -2.97 15.02
CA THR A 61 -13.56 -2.15 16.02
C THR A 61 -14.56 -1.24 15.30
N LEU A 62 -14.17 -0.76 14.12
CA LEU A 62 -15.02 0.12 13.29
C LEU A 62 -16.06 -0.62 12.43
N GLY A 63 -16.28 -1.90 12.76
CA GLY A 63 -17.24 -2.77 12.06
C GLY A 63 -16.86 -3.13 10.65
N VAL A 64 -15.56 -3.34 10.41
CA VAL A 64 -15.02 -3.68 9.11
C VAL A 64 -14.13 -4.89 9.41
N THR A 65 -14.71 -6.07 9.24
CA THR A 65 -14.03 -7.33 9.49
C THR A 65 -13.83 -8.07 8.16
N HIS A 66 -12.60 -8.01 7.65
CA HIS A 66 -12.23 -8.65 6.40
C HIS A 66 -10.77 -9.03 6.42
N SER A 67 -10.46 -10.15 5.77
CA SER A 67 -9.09 -10.62 5.68
C SER A 67 -8.72 -10.36 4.23
N PHE A 68 -7.89 -9.34 4.01
CA PHE A 68 -7.46 -8.97 2.67
C PHE A 68 -6.35 -9.86 2.14
N VAL A 69 -6.49 -10.28 0.88
CA VAL A 69 -5.54 -11.20 0.23
C VAL A 69 -4.70 -10.62 -0.91
N GLN A 70 -5.10 -9.48 -1.44
CA GLN A 70 -4.38 -8.89 -2.53
C GLN A 70 -4.42 -7.37 -2.47
N ASP A 71 -3.34 -6.75 -2.92
CA ASP A 71 -3.18 -5.28 -2.98
C ASP A 71 -2.89 -4.99 -4.44
N ASN A 72 -3.69 -4.09 -5.01
CA ASN A 72 -3.58 -3.67 -6.40
C ASN A 72 -3.16 -2.21 -6.46
N VAL A 73 -2.36 -1.85 -7.47
CA VAL A 73 -1.91 -0.47 -7.68
C VAL A 73 -2.22 -0.08 -9.11
N SER A 74 -3.04 0.97 -9.25
CA SER A 74 -3.47 1.54 -10.52
C SER A 74 -2.78 2.87 -10.78
N TYR A 75 -1.99 2.94 -11.85
CA TYR A 75 -1.30 4.17 -12.25
C TYR A 75 -1.98 4.68 -13.52
N SER A 76 -2.31 5.97 -13.53
CA SER A 76 -2.96 6.63 -14.66
C SER A 76 -2.13 7.89 -14.97
N ALA A 77 -1.49 7.90 -16.13
CA ALA A 77 -0.66 9.03 -16.52
C ALA A 77 -1.40 10.35 -16.75
N GLU A 78 -2.57 10.31 -17.36
CA GLU A 78 -3.34 11.51 -17.68
C GLU A 78 -4.55 11.74 -16.78
N ALA A 79 -4.81 13.03 -16.47
CA ALA A 79 -5.98 13.40 -15.67
C ALA A 79 -7.19 13.04 -16.52
N GLY A 80 -8.32 12.76 -15.89
CA GLY A 80 -9.53 12.40 -16.63
C GLY A 80 -9.57 10.97 -17.13
N THR A 81 -8.79 10.11 -16.51
CA THR A 81 -8.76 8.71 -16.86
C THR A 81 -9.83 8.04 -15.99
N ILE A 82 -10.72 7.29 -16.61
CA ILE A 82 -11.77 6.59 -15.86
C ILE A 82 -11.51 5.09 -15.79
N ARG A 83 -11.46 4.60 -14.55
CA ARG A 83 -11.25 3.19 -14.25
C ARG A 83 -12.54 2.64 -13.61
N GLY A 84 -13.29 1.83 -14.36
CA GLY A 84 -14.56 1.25 -13.90
C GLY A 84 -15.75 1.54 -14.80
N LEU A 85 -16.99 1.39 -14.30
CA LEU A 85 -17.34 0.92 -12.93
C LEU A 85 -17.25 -0.61 -12.85
N HIS A 86 -16.35 -1.11 -12.00
N HIS A 86 -16.34 -1.14 -12.03
CA HIS A 86 -16.11 -2.55 -11.81
CA HIS A 86 -16.18 -2.59 -11.92
C HIS A 86 -16.85 -3.24 -10.66
C HIS A 86 -16.90 -3.22 -10.73
N PHE A 87 -17.10 -4.53 -10.83
CA PHE A 87 -17.72 -5.36 -9.80
C PHE A 87 -17.43 -6.78 -10.25
N GLN A 88 -17.05 -7.64 -9.31
CA GLN A 88 -16.76 -9.01 -9.65
C GLN A 88 -18.00 -9.76 -9.20
N LYS A 89 -18.69 -10.43 -10.13
CA LYS A 89 -19.88 -11.18 -9.79
C LYS A 89 -19.59 -12.38 -8.92
N ASN A 90 -20.52 -12.69 -8.00
CA ASN A 90 -20.36 -13.87 -7.14
C ASN A 90 -20.33 -15.11 -8.03
N PRO A 91 -19.85 -16.24 -7.48
CA PRO A 91 -19.34 -16.46 -6.10
C PRO A 91 -18.02 -15.78 -5.72
N LYS A 92 -17.46 -14.92 -6.57
CA LYS A 92 -16.20 -14.25 -6.26
C LYS A 92 -16.33 -12.74 -6.05
N ALA A 93 -17.32 -12.32 -5.27
CA ALA A 93 -17.53 -10.89 -4.98
C ALA A 93 -16.37 -10.41 -4.11
N GLN A 94 -15.96 -9.17 -4.33
CA GLN A 94 -14.85 -8.57 -3.59
C GLN A 94 -15.18 -7.33 -2.76
N THR A 95 -14.69 -7.32 -1.52
CA THR A 95 -14.83 -6.18 -0.63
C THR A 95 -13.57 -5.45 -1.03
N LYS A 96 -13.64 -4.14 -1.22
CA LYS A 96 -12.46 -3.36 -1.58
C LYS A 96 -12.22 -2.27 -0.56
N LEU A 97 -10.99 -1.79 -0.48
CA LEU A 97 -10.58 -0.71 0.47
C LEU A 97 -9.59 0.09 -0.36
N ILE A 98 -10.01 1.27 -0.80
CA ILE A 98 -9.23 2.10 -1.67
C ILE A 98 -8.67 3.39 -1.09
N GLN A 99 -7.46 3.72 -1.53
CA GLN A 99 -6.78 4.95 -1.13
C GLN A 99 -5.95 5.45 -2.31
N VAL A 100 -5.60 6.73 -2.23
CA VAL A 100 -4.80 7.41 -3.25
C VAL A 100 -3.43 7.72 -2.65
N MET A 101 -2.38 7.27 -3.32
CA MET A 101 -1.01 7.48 -2.85
C MET A 101 -0.33 8.70 -3.48
N GLN A 102 -0.76 9.03 -4.69
CA GLN A 102 -0.26 10.15 -5.43
C GLN A 102 -1.41 10.69 -6.25
N GLY A 103 -1.60 12.01 -6.21
CA GLY A 103 -2.67 12.66 -6.92
C GLY A 103 -4.02 12.67 -6.19
N ALA A 104 -5.09 12.65 -6.96
CA ALA A 104 -6.43 12.68 -6.41
C ALA A 104 -7.41 12.13 -7.42
N ILE A 105 -8.50 11.55 -6.91
CA ILE A 105 -9.56 10.97 -7.72
C ILE A 105 -10.94 11.28 -7.16
N TYR A 106 -11.92 11.20 -8.05
CA TYR A 106 -13.34 11.36 -7.71
C TYR A 106 -13.79 9.93 -7.85
N ASP A 107 -14.08 9.28 -6.72
CA ASP A 107 -14.48 7.90 -6.68
C ASP A 107 -15.97 7.73 -6.47
N VAL A 108 -16.58 6.84 -7.27
CA VAL A 108 -17.99 6.60 -7.19
C VAL A 108 -18.28 5.14 -6.86
N ILE A 109 -19.32 4.93 -6.06
CA ILE A 109 -19.74 3.58 -5.71
C ILE A 109 -21.25 3.58 -5.93
N VAL A 110 -21.75 2.45 -6.43
CA VAL A 110 -23.18 2.27 -6.70
C VAL A 110 -23.67 1.00 -5.98
N ASP A 111 -24.77 1.12 -5.24
CA ASP A 111 -25.34 -0.02 -4.50
C ASP A 111 -26.16 -0.85 -5.50
N LEU A 112 -25.69 -2.06 -5.80
CA LEU A 112 -26.40 -2.93 -6.76
C LEU A 112 -27.16 -4.10 -6.11
N ARG A 113 -27.36 -4.01 -4.80
CA ARG A 113 -28.08 -5.03 -4.06
C ARG A 113 -29.57 -4.70 -4.29
N LYS A 114 -30.24 -5.51 -5.12
N LYS A 114 -30.24 -5.52 -5.12
CA LYS A 114 -31.67 -5.30 -5.44
CA LYS A 114 -31.65 -5.32 -5.45
C LYS A 114 -32.60 -5.22 -4.22
C LYS A 114 -32.60 -5.23 -4.24
N ASP A 115 -32.24 -5.91 -3.16
CA ASP A 115 -33.02 -5.91 -1.91
C ASP A 115 -32.84 -4.62 -1.13
N SER A 116 -31.62 -4.09 -1.18
CA SER A 116 -31.26 -2.88 -0.46
C SER A 116 -32.21 -1.70 -0.58
N PRO A 117 -32.50 -1.03 0.56
CA PRO A 117 -33.37 0.12 0.47
C PRO A 117 -32.70 1.18 -0.43
N THR A 118 -31.37 1.27 -0.35
CA THR A 118 -30.59 2.22 -1.13
C THR A 118 -30.17 1.68 -2.51
N PHE A 119 -30.94 0.75 -3.05
CA PHE A 119 -30.64 0.16 -4.36
C PHE A 119 -30.60 1.20 -5.48
N LYS A 120 -29.58 1.04 -6.32
CA LYS A 120 -29.26 1.90 -7.47
C LYS A 120 -28.61 3.24 -7.09
N GLN A 121 -28.69 3.63 -5.82
CA GLN A 121 -28.08 4.88 -5.37
C GLN A 121 -26.55 4.85 -5.42
N TRP A 122 -25.96 6.03 -5.56
CA TRP A 122 -24.51 6.19 -5.66
C TRP A 122 -24.00 7.37 -4.85
N ARG A 123 -22.67 7.43 -4.71
CA ARG A 123 -22.05 8.53 -3.99
C ARG A 123 -20.64 8.77 -4.51
N GLY A 124 -20.32 10.05 -4.71
CA GLY A 124 -19.03 10.50 -5.20
C GLY A 124 -18.15 11.06 -4.09
N TYR A 125 -16.97 10.46 -3.90
CA TYR A 125 -16.01 10.86 -2.86
C TYR A 125 -14.67 11.30 -3.45
N ILE A 126 -14.05 12.27 -2.81
CA ILE A 126 -12.76 12.77 -3.26
C ILE A 126 -11.71 12.17 -2.33
N LEU A 127 -10.88 11.30 -2.88
CA LEU A 127 -9.81 10.62 -2.20
C LEU A 127 -8.52 11.18 -2.78
N SER A 128 -7.59 11.58 -1.92
CA SER A 128 -6.34 12.15 -2.40
C SER A 128 -5.12 11.81 -1.55
N ALA A 129 -3.95 12.14 -2.08
CA ALA A 129 -2.70 11.90 -1.42
C ALA A 129 -2.65 12.82 -0.21
N ASP A 130 -3.19 14.01 -0.33
CA ASP A 130 -3.21 14.99 0.79
C ASP A 130 -4.21 14.68 1.89
N ASN A 131 -5.40 14.15 1.55
CA ASN A 131 -6.38 13.85 2.62
C ASN A 131 -6.22 12.45 3.26
N HIS A 132 -5.48 11.57 2.57
CA HIS A 132 -5.17 10.21 3.00
C HIS A 132 -6.44 9.38 3.27
N ARG A 133 -7.58 9.80 2.71
CA ARG A 133 -8.83 9.11 2.93
C ARG A 133 -8.94 7.80 2.24
N GLN A 134 -9.73 6.92 2.82
CA GLN A 134 -9.93 5.58 2.27
C GLN A 134 -11.41 5.31 2.19
N LEU A 135 -11.80 4.44 1.27
CA LEU A 135 -13.19 4.09 1.10
C LEU A 135 -13.32 2.58 1.18
N LEU A 136 -14.23 2.10 2.02
CA LEU A 136 -14.49 0.67 2.20
C LEU A 136 -15.71 0.45 1.30
N VAL A 137 -15.51 -0.30 0.22
CA VAL A 137 -16.56 -0.61 -0.73
C VAL A 137 -17.05 -2.04 -0.43
N PRO A 138 -18.27 -2.19 0.07
CA PRO A 138 -18.73 -3.54 0.37
C PRO A 138 -19.02 -4.38 -0.87
N LYS A 139 -19.29 -5.66 -0.63
CA LYS A 139 -19.65 -6.57 -1.71
C LYS A 139 -21.05 -6.12 -2.14
N GLY A 140 -21.38 -6.28 -3.42
CA GLY A 140 -22.69 -5.88 -3.93
C GLY A 140 -22.72 -4.46 -4.50
N PHE A 141 -21.54 -3.87 -4.64
CA PHE A 141 -21.36 -2.52 -5.17
C PHE A 141 -20.48 -2.47 -6.42
N ALA A 142 -20.74 -1.47 -7.26
CA ALA A 142 -19.97 -1.21 -8.46
C ALA A 142 -19.02 -0.12 -7.96
N HIS A 143 -17.80 -0.13 -8.46
CA HIS A 143 -16.76 0.84 -8.08
C HIS A 143 -15.92 1.29 -9.24
N GLY A 144 -15.70 2.61 -9.30
CA GLY A 144 -14.89 3.23 -10.32
C GLY A 144 -14.41 4.58 -9.89
N PHE A 145 -13.51 5.18 -10.67
CA PHE A 145 -13.00 6.51 -10.35
C PHE A 145 -12.48 7.30 -11.55
N CYS A 146 -12.38 8.61 -11.35
CA CYS A 146 -11.87 9.54 -12.37
C CYS A 146 -10.68 10.27 -11.75
N THR A 147 -9.53 10.19 -12.40
CA THR A 147 -8.33 10.85 -11.90
C THR A 147 -8.50 12.35 -12.15
N LEU A 148 -8.14 13.18 -11.18
CA LEU A 148 -8.32 14.62 -11.32
C LEU A 148 -7.09 15.41 -11.76
N VAL A 149 -5.91 14.79 -11.68
CA VAL A 149 -4.66 15.43 -12.06
C VAL A 149 -3.75 14.36 -12.64
N PRO A 150 -2.74 14.77 -13.41
CA PRO A 150 -1.84 13.74 -13.98
C PRO A 150 -1.09 12.95 -12.92
N HIS A 151 -0.59 11.81 -13.36
CA HIS A 151 0.19 10.90 -12.52
C HIS A 151 -0.48 10.54 -11.20
N THR A 152 -1.70 10.01 -11.28
CA THR A 152 -2.46 9.58 -10.12
C THR A 152 -2.26 8.08 -9.91
N ILE A 153 -1.95 7.73 -8.67
CA ILE A 153 -1.71 6.35 -8.24
C ILE A 153 -2.72 5.97 -7.16
N VAL A 154 -3.52 4.94 -7.44
CA VAL A 154 -4.53 4.45 -6.54
C VAL A 154 -4.15 3.04 -6.11
N MET A 155 -4.33 2.77 -4.83
CA MET A 155 -4.02 1.47 -4.28
C MET A 155 -5.27 0.95 -3.63
N TYR A 156 -5.57 -0.34 -3.79
CA TYR A 156 -6.74 -0.89 -3.15
C TYR A 156 -6.59 -2.37 -2.88
N LYS A 157 -7.08 -2.76 -1.71
CA LYS A 157 -7.03 -4.13 -1.26
C LYS A 157 -8.35 -4.81 -1.61
N VAL A 158 -8.30 -6.12 -1.77
CA VAL A 158 -9.50 -6.92 -2.08
C VAL A 158 -9.44 -8.17 -1.21
N ASP A 159 -10.59 -8.64 -0.71
CA ASP A 159 -10.63 -9.84 0.15
C ASP A 159 -10.89 -11.15 -0.59
N GLU A 160 -10.93 -11.07 -1.93
CA GLU A 160 -11.13 -12.23 -2.80
C GLU A 160 -10.23 -12.03 -4.02
N TYR A 161 -9.52 -13.06 -4.41
CA TYR A 161 -8.63 -12.95 -5.57
C TYR A 161 -9.35 -12.59 -6.86
N TYR A 162 -8.58 -12.00 -7.77
CA TYR A 162 -9.08 -11.59 -9.07
C TYR A 162 -9.45 -12.82 -9.91
N SER A 163 -10.50 -12.66 -10.70
CA SER A 163 -11.00 -13.70 -11.58
C SER A 163 -11.46 -13.04 -12.88
N ALA A 164 -10.62 -13.10 -13.91
CA ALA A 164 -10.95 -12.51 -15.22
C ALA A 164 -12.31 -13.02 -15.71
N ASP A 165 -12.68 -14.22 -15.26
CA ASP A 165 -13.93 -14.88 -15.58
C ASP A 165 -15.15 -14.10 -15.08
N HIS A 166 -15.11 -13.74 -13.79
CA HIS A 166 -16.19 -13.02 -13.12
C HIS A 166 -16.07 -11.49 -13.16
N ASP A 167 -15.02 -11.00 -13.80
CA ASP A 167 -14.80 -9.58 -13.90
C ASP A 167 -15.91 -8.98 -14.78
N SER A 168 -16.67 -8.02 -14.22
CA SER A 168 -17.76 -7.37 -14.93
C SER A 168 -17.78 -5.85 -14.62
N GLY A 169 -18.91 -5.19 -14.79
CA GLY A 169 -19.00 -3.77 -14.51
C GLY A 169 -20.23 -3.06 -15.04
N VAL A 170 -20.20 -1.73 -14.93
CA VAL A 170 -21.29 -0.87 -15.39
C VAL A 170 -20.66 0.31 -16.16
N LEU A 171 -21.15 0.55 -17.37
CA LEU A 171 -20.63 1.63 -18.23
C LEU A 171 -20.66 2.95 -17.46
N TRP A 172 -19.54 3.65 -17.49
CA TRP A 172 -19.36 4.92 -16.77
C TRP A 172 -20.50 5.92 -16.95
N ASN A 173 -20.98 6.11 -18.19
CA ASN A 173 -22.04 7.10 -18.45
C ASN A 173 -23.50 6.59 -18.48
N ASP A 174 -23.76 5.43 -17.90
CA ASP A 174 -25.12 4.91 -17.86
C ASP A 174 -26.06 6.07 -17.51
N LYS A 175 -27.06 6.32 -18.35
CA LYS A 175 -28.01 7.43 -18.08
C LYS A 175 -28.95 7.23 -16.90
N GLU A 176 -29.09 6.01 -16.40
CA GLU A 176 -29.98 5.77 -15.26
C GLU A 176 -29.37 6.35 -14.00
N LEU A 177 -28.03 6.24 -13.90
CA LEU A 177 -27.29 6.74 -12.73
C LEU A 177 -26.96 8.22 -12.84
N ALA A 178 -26.74 8.67 -14.08
CA ALA A 178 -26.41 10.07 -14.41
C ALA A 178 -25.34 10.64 -13.49
N ILE A 179 -24.22 9.93 -13.38
CA ILE A 179 -23.13 10.38 -12.52
C ILE A 179 -22.47 11.63 -13.12
N PRO A 180 -22.26 12.67 -12.30
CA PRO A 180 -21.64 13.94 -12.72
C PRO A 180 -20.10 13.87 -12.80
N TRP A 181 -19.58 13.04 -13.70
CA TRP A 181 -18.13 12.92 -13.82
C TRP A 181 -17.50 14.26 -14.15
N PRO A 182 -16.34 14.56 -13.55
CA PRO A 182 -15.64 15.83 -13.79
C PRO A 182 -14.83 15.85 -15.10
N VAL A 183 -15.33 15.15 -16.12
CA VAL A 183 -14.65 15.09 -17.40
C VAL A 183 -15.71 14.86 -18.45
N THR A 184 -15.47 15.39 -19.65
CA THR A 184 -16.39 15.27 -20.78
C THR A 184 -16.04 14.10 -21.71
N SER A 185 -14.75 13.96 -21.99
CA SER A 185 -14.25 12.90 -22.87
C SER A 185 -13.23 12.07 -22.09
N PRO A 186 -13.72 11.22 -21.17
CA PRO A 186 -12.78 10.43 -20.37
C PRO A 186 -11.84 9.51 -21.12
N ILE A 187 -10.64 9.34 -20.57
CA ILE A 187 -9.64 8.45 -21.13
C ILE A 187 -10.10 7.09 -20.59
N LEU A 188 -10.55 6.21 -21.47
CA LEU A 188 -11.04 4.89 -21.10
C LEU A 188 -10.42 3.83 -21.97
N SER A 189 -10.28 2.63 -21.44
CA SER A 189 -9.74 1.53 -22.23
C SER A 189 -10.93 1.05 -23.07
N ASP A 190 -10.65 0.39 -24.18
CA ASP A 190 -11.73 -0.13 -25.02
C ASP A 190 -12.66 -1.04 -24.23
N LYS A 191 -12.05 -1.84 -23.35
CA LYS A 191 -12.79 -2.78 -22.50
C LYS A 191 -13.76 -2.01 -21.61
N ASP A 192 -13.30 -0.88 -21.10
CA ASP A 192 -14.14 -0.05 -20.24
C ASP A 192 -15.25 0.69 -20.99
N ARG A 193 -15.09 0.91 -22.30
CA ARG A 193 -16.14 1.59 -23.08
C ARG A 193 -17.29 0.66 -23.51
N ILE A 194 -17.13 -0.65 -23.29
CA ILE A 194 -18.16 -1.64 -23.66
C ILE A 194 -18.76 -2.37 -22.45
N LEU A 195 -18.73 -1.73 -21.27
CA LEU A 195 -19.30 -2.36 -20.09
C LEU A 195 -20.82 -2.17 -20.25
N PRO A 196 -21.63 -3.11 -19.74
CA PRO A 196 -23.09 -3.00 -19.86
C PRO A 196 -23.72 -1.90 -19.01
N LEU A 197 -25.01 -1.66 -19.24
CA LEU A 197 -25.79 -0.64 -18.52
C LEU A 197 -26.24 -1.21 -17.17
N LEU A 198 -26.92 -0.38 -16.39
CA LEU A 198 -27.43 -0.77 -15.08
C LEU A 198 -28.67 -1.65 -15.23
N ALA B 24 4.01 -14.88 -12.03
CA ALA B 24 3.63 -13.59 -11.41
C ALA B 24 4.86 -12.95 -10.77
N MET B 25 4.80 -12.69 -9.47
CA MET B 25 5.92 -12.08 -8.78
C MET B 25 7.18 -12.92 -8.86
N LYS B 26 8.32 -12.26 -9.06
N LYS B 26 8.34 -12.27 -9.08
CA LYS B 26 9.62 -12.92 -9.17
CA LYS B 26 9.61 -12.98 -9.17
C LYS B 26 10.58 -12.50 -8.08
C LYS B 26 10.59 -12.51 -8.09
N VAL B 27 11.35 -13.47 -7.58
CA VAL B 27 12.35 -13.25 -6.55
C VAL B 27 13.65 -12.96 -7.31
N ILE B 28 14.09 -11.70 -7.23
CA ILE B 28 15.31 -11.25 -7.90
C ILE B 28 16.58 -11.86 -7.29
N GLU B 29 16.68 -11.81 -5.97
CA GLU B 29 17.82 -12.38 -5.27
C GLU B 29 17.39 -12.74 -3.86
N THR B 30 18.14 -13.63 -3.22
CA THR B 30 17.84 -14.05 -1.87
C THR B 30 19.17 -13.97 -1.14
N ASN B 31 19.14 -13.36 0.04
CA ASN B 31 20.36 -13.26 0.81
C ASN B 31 20.05 -13.58 2.25
N PHE B 32 21.09 -13.99 2.96
CA PHE B 32 20.99 -14.31 4.37
C PHE B 32 19.96 -15.40 4.62
N THR B 33 19.87 -16.31 3.65
CA THR B 33 18.96 -17.46 3.68
C THR B 33 17.47 -17.13 3.50
N ASP B 34 17.01 -16.10 4.20
CA ASP B 34 15.61 -15.66 4.22
C ASP B 34 15.16 -14.30 3.66
N ALA B 35 16.06 -13.33 3.52
CA ALA B 35 15.70 -12.00 3.00
C ALA B 35 15.61 -12.03 1.48
N LYS B 36 14.47 -11.58 0.93
CA LYS B 36 14.28 -11.60 -0.51
C LYS B 36 13.90 -10.29 -1.15
N LEU B 37 14.49 -10.06 -2.32
CA LEU B 37 14.24 -8.87 -3.11
C LEU B 37 13.24 -9.41 -4.12
N LEU B 38 12.05 -8.81 -4.14
CA LEU B 38 10.92 -9.21 -4.97
C LEU B 38 10.51 -8.16 -6.00
N GLU B 39 9.83 -8.63 -7.03
N GLU B 39 9.84 -8.58 -7.06
CA GLU B 39 9.37 -7.79 -8.10
CA GLU B 39 9.39 -7.63 -8.08
C GLU B 39 8.05 -8.33 -8.65
C GLU B 39 8.12 -8.22 -8.71
N PRO B 40 6.97 -7.53 -8.54
CA PRO B 40 5.70 -8.01 -9.07
C PRO B 40 5.56 -7.84 -10.57
N ARG B 41 4.50 -8.44 -11.13
CA ARG B 41 4.21 -8.37 -12.55
C ARG B 41 3.55 -7.01 -12.77
N LEU B 42 3.91 -6.35 -13.86
CA LEU B 42 3.35 -5.04 -14.16
C LEU B 42 2.70 -5.03 -15.54
N PHE B 43 1.39 -4.75 -15.59
CA PHE B 43 0.63 -4.68 -16.86
C PHE B 43 0.57 -3.24 -17.35
N GLY B 44 1.49 -2.84 -18.22
CA GLY B 44 1.52 -1.47 -18.75
C GLY B 44 0.89 -1.32 -20.13
N ASP B 45 0.20 -0.19 -20.34
CA ASP B 45 -0.45 0.11 -21.62
C ASP B 45 -0.40 1.63 -21.90
N ASP B 46 -1.16 2.10 -22.89
CA ASP B 46 -1.19 3.53 -23.26
C ASP B 46 -1.73 4.48 -22.19
N ARG B 47 -2.41 3.94 -21.20
CA ARG B 47 -3.02 4.74 -20.12
C ARG B 47 -2.27 4.77 -18.78
N GLY B 48 -1.32 3.86 -18.61
CA GLY B 48 -0.53 3.77 -17.38
C GLY B 48 -0.28 2.30 -17.11
N PHE B 49 -0.46 1.85 -15.87
CA PHE B 49 -0.24 0.45 -15.55
C PHE B 49 -1.10 -0.02 -14.38
N PHE B 50 -1.06 -1.34 -14.18
CA PHE B 50 -1.77 -2.02 -13.11
C PHE B 50 -0.86 -3.15 -12.68
N THR B 51 -0.73 -3.37 -11.38
CA THR B 51 0.11 -4.46 -10.88
C THR B 51 -0.48 -4.97 -9.58
N GLU B 52 -0.23 -6.25 -9.28
CA GLU B 52 -0.69 -6.84 -8.02
C GLU B 52 0.55 -6.73 -7.14
N SER B 53 0.60 -5.67 -6.34
CA SER B 53 1.72 -5.42 -5.46
C SER B 53 1.79 -6.47 -4.36
N TYR B 54 0.65 -6.99 -3.95
CA TYR B 54 0.59 -8.03 -2.92
C TYR B 54 -0.44 -9.07 -3.30
N ASN B 55 -0.03 -10.33 -3.17
CA ASN B 55 -0.90 -11.44 -3.43
C ASN B 55 -0.45 -12.52 -2.48
N LYS B 56 -1.30 -12.82 -1.49
CA LYS B 56 -0.98 -13.81 -0.47
C LYS B 56 -0.66 -15.19 -1.05
N LYS B 57 -1.45 -15.65 -2.01
CA LYS B 57 -1.27 -16.96 -2.65
C LYS B 57 0.09 -17.04 -3.35
N VAL B 58 0.36 -16.05 -4.19
CA VAL B 58 1.62 -15.95 -4.94
C VAL B 58 2.83 -15.98 -4.04
N LEU B 59 2.81 -15.17 -2.99
CA LEU B 59 3.93 -15.16 -2.06
C LEU B 59 4.16 -16.53 -1.45
N GLU B 60 3.08 -17.26 -1.15
CA GLU B 60 3.21 -18.60 -0.57
C GLU B 60 3.96 -19.51 -1.54
N THR B 61 3.64 -19.45 -2.82
CA THR B 61 4.32 -20.29 -3.82
C THR B 61 5.82 -19.97 -3.96
N LEU B 62 6.23 -18.78 -3.50
CA LEU B 62 7.63 -18.33 -3.54
C LEU B 62 8.36 -18.63 -2.22
N GLY B 63 7.63 -19.15 -1.22
CA GLY B 63 8.19 -19.49 0.08
C GLY B 63 7.94 -18.46 1.16
N VAL B 64 7.20 -17.39 0.83
CA VAL B 64 6.91 -16.32 1.78
C VAL B 64 5.50 -16.49 2.34
N THR B 65 5.43 -16.87 3.62
CA THR B 65 4.15 -17.09 4.32
C THR B 65 4.08 -16.31 5.64
N HIS B 66 3.19 -15.34 5.66
CA HIS B 66 2.95 -14.49 6.84
C HIS B 66 1.56 -13.87 6.77
N SER B 67 1.04 -13.52 7.93
CA SER B 67 -0.26 -12.87 8.03
C SER B 67 -0.01 -11.41 8.37
N PHE B 68 0.01 -10.54 7.37
CA PHE B 68 0.25 -9.13 7.64
C PHE B 68 -0.98 -8.49 8.26
N VAL B 69 -0.75 -7.73 9.32
CA VAL B 69 -1.83 -7.07 10.07
C VAL B 69 -1.76 -5.55 10.11
N GLN B 70 -0.70 -4.98 9.53
CA GLN B 70 -0.57 -3.55 9.57
C GLN B 70 0.27 -3.03 8.41
N ASP B 71 -0.19 -1.95 7.79
CA ASP B 71 0.50 -1.29 6.67
C ASP B 71 0.88 0.07 7.20
N ASN B 72 2.17 0.41 7.09
CA ASN B 72 2.73 1.66 7.54
C ASN B 72 3.17 2.48 6.35
N VAL B 73 3.04 3.80 6.45
CA VAL B 73 3.45 4.72 5.39
C VAL B 73 4.37 5.72 6.05
N SER B 74 5.46 6.05 5.36
CA SER B 74 6.47 6.99 5.81
C SER B 74 6.81 7.93 4.68
N TYR B 75 6.55 9.22 4.91
CA TYR B 75 6.84 10.29 3.96
C TYR B 75 8.00 11.14 4.48
N SER B 76 9.03 11.32 3.67
CA SER B 76 10.18 12.13 4.05
C SER B 76 10.26 13.31 3.08
N ALA B 77 10.16 14.52 3.63
CA ALA B 77 10.20 15.74 2.85
C ALA B 77 11.45 15.87 2.01
N GLU B 78 12.60 15.77 2.68
CA GLU B 78 13.85 15.92 1.99
C GLU B 78 14.68 14.68 1.78
N ALA B 79 15.46 14.75 0.71
CA ALA B 79 16.38 13.69 0.35
C ALA B 79 17.40 13.66 1.50
N GLY B 80 18.05 12.53 1.69
CA GLY B 80 19.05 12.38 2.74
C GLY B 80 18.50 12.12 4.13
N THR B 81 17.22 11.73 4.19
CA THR B 81 16.61 11.44 5.48
C THR B 81 16.79 9.95 5.73
N ILE B 82 17.37 9.63 6.88
CA ILE B 82 17.57 8.27 7.27
C ILE B 82 16.55 7.93 8.34
N ARG B 83 15.90 6.78 8.15
CA ARG B 83 14.94 6.28 9.12
C ARG B 83 15.50 4.90 9.49
N GLY B 84 15.78 4.69 10.76
CA GLY B 84 16.35 3.42 11.21
C GLY B 84 17.69 3.61 11.87
N LEU B 85 18.43 2.53 12.10
CA LEU B 85 18.02 1.15 11.76
C LEU B 85 17.06 0.70 12.86
N HIS B 86 16.07 -0.11 12.51
N HIS B 86 16.09 -0.15 12.55
CA HIS B 86 15.05 -0.55 13.48
CA HIS B 86 15.17 -0.60 13.60
C HIS B 86 14.57 -2.01 13.47
C HIS B 86 14.70 -2.02 13.51
N PHE B 87 14.29 -2.52 14.67
CA PHE B 87 13.77 -3.87 14.82
C PHE B 87 12.95 -3.82 16.10
N GLN B 88 11.99 -4.73 16.20
CA GLN B 88 11.16 -4.80 17.37
C GLN B 88 11.66 -6.05 18.09
N LYS B 89 11.83 -5.96 19.41
CA LYS B 89 12.34 -7.08 20.20
C LYS B 89 11.45 -8.33 20.27
N ASN B 90 12.10 -9.49 20.39
CA ASN B 90 11.40 -10.78 20.49
C ASN B 90 10.79 -10.91 21.88
N PRO B 91 9.69 -11.67 22.03
CA PRO B 91 8.95 -12.46 21.04
C PRO B 91 8.04 -11.71 20.08
N LYS B 92 8.10 -10.38 20.06
CA LYS B 92 7.25 -9.61 19.16
C LYS B 92 8.03 -9.07 17.95
N ALA B 93 8.85 -9.93 17.37
CA ALA B 93 9.65 -9.57 16.20
C ALA B 93 8.66 -9.45 15.04
N GLN B 94 8.99 -8.61 14.07
CA GLN B 94 8.15 -8.38 12.91
C GLN B 94 8.85 -8.69 11.59
N THR B 95 8.08 -9.24 10.66
CA THR B 95 8.57 -9.50 9.31
C THR B 95 8.09 -8.21 8.65
N LYS B 96 8.93 -7.60 7.81
CA LYS B 96 8.58 -6.36 7.11
C LYS B 96 8.67 -6.55 5.59
N LEU B 97 7.65 -6.09 4.86
CA LEU B 97 7.61 -6.18 3.39
C LEU B 97 7.64 -4.70 2.98
N ILE B 98 8.80 -4.25 2.53
CA ILE B 98 9.09 -2.87 2.14
C ILE B 98 8.86 -2.56 0.66
N GLN B 99 8.30 -1.40 0.38
CA GLN B 99 8.05 -0.97 -1.00
C GLN B 99 8.11 0.57 -1.03
N VAL B 100 8.42 1.13 -2.20
CA VAL B 100 8.52 2.57 -2.38
C VAL B 100 7.46 3.02 -3.37
N MET B 101 6.55 3.89 -2.90
CA MET B 101 5.44 4.41 -3.72
C MET B 101 5.74 5.67 -4.52
N GLN B 102 6.72 6.44 -4.05
CA GLN B 102 7.12 7.67 -4.68
C GLN B 102 8.57 7.88 -4.29
N GLY B 103 9.40 8.33 -5.22
CA GLY B 103 10.82 8.55 -4.94
C GLY B 103 11.67 7.28 -4.98
N ALA B 104 12.73 7.28 -4.17
CA ALA B 104 13.66 6.15 -4.11
C ALA B 104 14.45 6.12 -2.82
N ILE B 105 14.83 4.90 -2.40
CA ILE B 105 15.60 4.72 -1.19
C ILE B 105 16.76 3.73 -1.34
N TYR B 106 17.72 3.86 -0.44
CA TYR B 106 18.86 2.99 -0.32
C TYR B 106 18.41 2.32 0.96
N ASP B 107 17.94 1.08 0.87
CA ASP B 107 17.43 0.32 2.00
C ASP B 107 18.45 -0.68 2.48
N VAL B 108 18.75 -0.65 3.77
CA VAL B 108 19.74 -1.53 4.36
C VAL B 108 19.17 -2.45 5.46
N ILE B 109 19.52 -3.73 5.37
CA ILE B 109 19.10 -4.70 6.40
C ILE B 109 20.37 -5.28 7.00
N VAL B 110 20.29 -5.68 8.27
CA VAL B 110 21.42 -6.25 9.00
C VAL B 110 20.91 -7.50 9.71
N ASP B 111 21.64 -8.62 9.58
CA ASP B 111 21.25 -9.88 10.21
C ASP B 111 21.65 -9.78 11.70
N LEU B 112 20.68 -9.75 12.58
CA LEU B 112 20.94 -9.65 14.04
C LEU B 112 20.65 -10.95 14.79
N ARG B 113 20.45 -12.05 14.06
CA ARG B 113 20.18 -13.34 14.65
C ARG B 113 21.51 -13.91 15.15
N LYS B 114 21.72 -13.89 16.47
CA LYS B 114 22.94 -14.39 17.08
C LYS B 114 23.31 -15.80 16.59
N ASP B 115 22.30 -16.62 16.31
CA ASP B 115 22.50 -18.00 15.85
C ASP B 115 22.58 -18.21 14.32
N SER B 116 22.99 -17.17 13.60
N SER B 116 22.93 -17.18 13.57
CA SER B 116 23.11 -17.20 12.13
CA SER B 116 23.03 -17.30 12.10
C SER B 116 24.53 -17.15 11.56
C SER B 116 24.46 -17.17 11.55
N PRO B 117 24.77 -17.87 10.43
CA PRO B 117 26.08 -17.84 9.79
C PRO B 117 26.37 -16.52 9.02
N THR B 118 25.46 -15.56 9.13
CA THR B 118 25.59 -14.26 8.50
C THR B 118 25.32 -13.12 9.51
N PHE B 119 25.38 -13.46 10.80
CA PHE B 119 25.16 -12.51 11.90
C PHE B 119 26.11 -11.34 11.73
N LYS B 120 25.54 -10.14 11.69
CA LYS B 120 26.25 -8.87 11.53
C LYS B 120 26.60 -8.52 10.08
N GLN B 121 26.11 -9.31 9.13
CA GLN B 121 26.34 -9.00 7.73
C GLN B 121 25.16 -8.08 7.37
N TRP B 122 25.30 -7.34 6.28
CA TRP B 122 24.27 -6.42 5.84
C TRP B 122 24.29 -6.28 4.34
N ARG B 123 23.16 -5.84 3.78
CA ARG B 123 23.06 -5.63 2.34
C ARG B 123 22.25 -4.35 2.13
N GLY B 124 22.63 -3.58 1.10
CA GLY B 124 21.95 -2.34 0.75
C GLY B 124 21.24 -2.58 -0.55
N TYR B 125 19.98 -2.16 -0.64
CA TYR B 125 19.15 -2.34 -1.83
C TYR B 125 18.59 -1.00 -2.25
N ILE B 126 18.28 -0.87 -3.52
CA ILE B 126 17.70 0.35 -4.06
C ILE B 126 16.25 0.01 -4.46
N LEU B 127 15.30 0.60 -3.74
CA LEU B 127 13.88 0.40 -3.99
C LEU B 127 13.33 1.76 -4.45
N SER B 128 12.58 1.77 -5.53
CA SER B 128 12.02 3.02 -6.02
C SER B 128 10.62 2.85 -6.57
N ALA B 129 9.97 3.97 -6.83
CA ALA B 129 8.62 3.95 -7.39
C ALA B 129 8.74 3.55 -8.84
N ASP B 130 9.95 3.65 -9.42
CA ASP B 130 10.15 3.27 -10.82
C ASP B 130 10.60 1.84 -11.02
N ASN B 131 11.18 1.20 -10.01
CA ASN B 131 11.55 -0.24 -10.16
C ASN B 131 10.48 -1.20 -9.56
N HIS B 132 9.64 -0.67 -8.65
CA HIS B 132 8.55 -1.37 -7.98
C HIS B 132 9.02 -2.57 -7.15
N ARG B 133 10.32 -2.64 -6.87
CA ARG B 133 10.88 -3.74 -6.12
C ARG B 133 10.48 -3.67 -4.68
N GLN B 134 10.36 -4.84 -4.08
CA GLN B 134 9.96 -4.99 -2.67
C GLN B 134 10.97 -5.85 -1.93
N LEU B 135 11.13 -5.58 -0.64
CA LEU B 135 12.07 -6.35 0.17
C LEU B 135 11.38 -7.02 1.36
N LEU B 136 11.56 -8.33 1.48
CA LEU B 136 11.01 -9.10 2.57
C LEU B 136 12.14 -9.15 3.61
N VAL B 137 11.93 -8.48 4.74
CA VAL B 137 12.92 -8.43 5.81
C VAL B 137 12.43 -9.38 6.91
N PRO B 138 13.17 -10.48 7.14
CA PRO B 138 12.73 -11.41 8.17
C PRO B 138 12.87 -10.88 9.59
N LYS B 139 12.17 -11.54 10.50
CA LYS B 139 12.23 -11.22 11.92
C LYS B 139 13.67 -11.54 12.28
N GLY B 140 14.28 -10.74 13.14
CA GLY B 140 15.68 -10.96 13.54
C GLY B 140 16.72 -10.08 12.84
N PHE B 141 16.24 -9.19 11.97
CA PHE B 141 17.08 -8.25 11.23
C PHE B 141 16.74 -6.82 11.63
N ALA B 142 17.71 -5.91 11.45
CA ALA B 142 17.51 -4.50 11.73
C ALA B 142 17.25 -3.98 10.32
N HIS B 143 16.40 -2.98 10.21
CA HIS B 143 16.05 -2.38 8.92
C HIS B 143 15.96 -0.88 8.97
N GLY B 144 16.49 -0.24 7.93
CA GLY B 144 16.45 1.21 7.81
C GLY B 144 16.66 1.60 6.36
N PHE B 145 16.51 2.87 6.07
CA PHE B 145 16.71 3.39 4.72
C PHE B 145 17.04 4.87 4.69
N CYS B 146 17.65 5.30 3.60
CA CYS B 146 18.03 6.68 3.36
C CYS B 146 17.29 7.14 2.13
N THR B 147 16.49 8.19 2.23
CA THR B 147 15.78 8.69 1.04
C THR B 147 16.83 9.28 0.08
N LEU B 148 16.62 9.07 -1.21
CA LEU B 148 17.56 9.54 -2.21
C LEU B 148 17.15 10.80 -2.97
N VAL B 149 15.86 11.09 -2.99
CA VAL B 149 15.32 12.25 -3.66
C VAL B 149 14.30 12.89 -2.73
N PRO B 150 13.88 14.12 -3.03
CA PRO B 150 12.89 14.71 -2.13
C PRO B 150 11.53 14.03 -2.22
N HIS B 151 10.74 14.20 -1.17
CA HIS B 151 9.36 13.67 -1.09
C HIS B 151 9.15 12.17 -1.32
N THR B 152 10.04 11.36 -0.78
CA THR B 152 9.93 9.91 -0.92
C THR B 152 8.90 9.31 0.05
N ILE B 153 8.05 8.44 -0.49
CA ILE B 153 7.00 7.73 0.26
C ILE B 153 7.32 6.24 0.26
N VAL B 154 7.46 5.68 1.45
CA VAL B 154 7.76 4.27 1.66
C VAL B 154 6.56 3.60 2.32
N MET B 155 6.16 2.44 1.82
CA MET B 155 5.05 1.71 2.42
C MET B 155 5.62 0.35 2.84
N TYR B 156 5.21 -0.12 4.01
CA TYR B 156 5.68 -1.42 4.45
C TYR B 156 4.61 -2.12 5.27
N LYS B 157 4.57 -3.44 5.11
CA LYS B 157 3.60 -4.29 5.78
C LYS B 157 4.32 -5.06 6.88
N VAL B 158 3.65 -5.29 8.01
CA VAL B 158 4.26 -6.05 9.11
C VAL B 158 3.30 -7.14 9.60
N ASP B 159 3.87 -8.24 10.11
CA ASP B 159 3.07 -9.39 10.60
C ASP B 159 2.82 -9.48 12.11
N GLU B 160 3.21 -8.44 12.83
CA GLU B 160 3.04 -8.30 14.28
C GLU B 160 2.84 -6.81 14.50
N TYR B 161 1.90 -6.45 15.37
CA TYR B 161 1.64 -5.04 15.63
C TYR B 161 2.78 -4.30 16.31
N TYR B 162 2.72 -2.97 16.23
CA TYR B 162 3.71 -2.12 16.85
C TYR B 162 3.64 -2.33 18.36
N SER B 163 4.81 -2.49 18.98
CA SER B 163 4.87 -2.69 20.43
C SER B 163 5.95 -1.76 20.99
N ALA B 164 5.50 -0.63 21.54
CA ALA B 164 6.39 0.38 22.11
C ALA B 164 7.53 -0.15 22.99
N ASP B 165 7.18 -1.00 23.96
CA ASP B 165 8.17 -1.58 24.90
C ASP B 165 9.24 -2.44 24.20
N HIS B 166 8.90 -3.00 23.03
CA HIS B 166 9.82 -3.84 22.26
C HIS B 166 10.61 -3.10 21.15
N ASP B 167 10.56 -1.78 21.13
CA ASP B 167 11.25 -0.96 20.13
C ASP B 167 12.77 -0.85 20.37
N SER B 168 13.57 -1.21 19.36
CA SER B 168 15.02 -1.12 19.46
C SER B 168 15.61 -0.83 18.08
N GLY B 169 16.94 -0.90 17.96
CA GLY B 169 17.62 -0.64 16.68
C GLY B 169 19.14 -0.63 16.75
N VAL B 170 19.76 -0.14 15.69
CA VAL B 170 21.20 -0.05 15.59
C VAL B 170 21.50 1.36 15.09
N LEU B 171 22.59 1.93 15.57
CA LEU B 171 22.97 3.29 15.17
C LEU B 171 23.31 3.28 13.68
N TRP B 172 22.66 4.17 12.93
CA TRP B 172 22.87 4.26 11.48
C TRP B 172 24.35 4.30 11.13
N ASN B 173 25.15 5.10 11.84
CA ASN B 173 26.58 5.19 11.54
C ASN B 173 27.48 4.37 12.46
N ASP B 174 26.97 3.25 12.97
CA ASP B 174 27.75 2.41 13.87
C ASP B 174 29.04 2.05 13.12
N LYS B 175 30.12 2.10 13.89
CA LYS B 175 31.48 1.83 13.45
C LYS B 175 31.72 0.43 12.89
N GLU B 176 31.21 -0.62 13.54
CA GLU B 176 31.43 -1.99 13.03
C GLU B 176 30.72 -2.19 11.70
N LEU B 177 29.44 -1.79 11.64
CA LEU B 177 28.67 -1.93 10.40
C LEU B 177 29.35 -1.00 9.40
N ALA B 178 29.69 -1.53 8.24
CA ALA B 178 30.38 -0.75 7.21
C ALA B 178 29.54 0.30 6.48
N ILE B 179 28.23 0.05 6.44
CA ILE B 179 27.20 0.87 5.77
C ILE B 179 27.67 2.20 5.13
N PRO B 180 27.92 2.17 3.81
CA PRO B 180 28.33 3.36 3.09
C PRO B 180 27.07 4.13 2.65
N TRP B 181 26.44 4.78 3.61
CA TRP B 181 25.24 5.55 3.33
C TRP B 181 25.58 6.63 2.29
N PRO B 182 24.64 6.96 1.42
CA PRO B 182 24.93 7.97 0.40
C PRO B 182 24.56 9.40 0.86
N VAL B 183 24.92 9.71 2.11
CA VAL B 183 24.64 11.00 2.73
C VAL B 183 25.62 11.19 3.89
N THR B 184 26.28 12.34 3.95
CA THR B 184 27.25 12.61 5.03
C THR B 184 26.58 13.14 6.30
N SER B 185 25.65 14.07 6.13
CA SER B 185 24.93 14.67 7.27
C SER B 185 23.45 14.45 7.04
N PRO B 186 22.95 13.25 7.39
CA PRO B 186 21.55 12.97 7.18
C PRO B 186 20.61 13.66 8.14
N ILE B 187 19.33 13.55 7.79
CA ILE B 187 18.22 14.09 8.57
C ILE B 187 17.73 12.88 9.38
N LEU B 188 17.73 13.02 10.70
CA LEU B 188 17.30 11.96 11.62
C LEU B 188 16.38 12.53 12.68
N SER B 189 15.62 11.64 13.32
CA SER B 189 14.73 12.04 14.39
C SER B 189 15.68 12.09 15.58
N ASP B 190 15.27 12.71 16.68
CA ASP B 190 16.14 12.73 17.85
C ASP B 190 16.39 11.30 18.32
N LYS B 191 15.35 10.47 18.38
N LYS B 191 15.33 10.48 18.33
CA LYS B 191 15.53 9.08 18.82
CA LYS B 191 15.39 9.09 18.75
C LYS B 191 16.43 8.21 17.94
C LYS B 191 16.34 8.20 17.94
N ASP B 192 16.47 8.45 16.62
CA ASP B 192 17.37 7.63 15.80
C ASP B 192 18.83 8.00 16.02
N ARG B 193 19.10 9.26 16.41
CA ARG B 193 20.48 9.68 16.70
C ARG B 193 20.85 9.00 18.02
N ILE B 194 19.85 8.76 18.87
CA ILE B 194 20.05 8.12 20.19
C ILE B 194 20.14 6.59 20.14
N LEU B 195 19.64 5.95 19.06
CA LEU B 195 19.70 4.49 18.98
C LEU B 195 21.01 3.88 19.45
N PRO B 196 20.92 2.74 20.16
CA PRO B 196 22.08 2.04 20.69
C PRO B 196 22.95 1.41 19.62
N LEU B 197 24.25 1.36 19.91
CA LEU B 197 25.24 0.76 19.03
C LEU B 197 25.03 -0.75 19.07
N LEU B 198 25.52 -1.49 18.05
CA LEU B 198 25.38 -2.96 18.06
C LEU B 198 25.98 -3.49 19.34
#